data_6EXJ
#
_entry.id   6EXJ
#
_cell.length_a   42.850
_cell.length_b   43.300
_cell.length_c   78.760
_cell.angle_alpha   90.00
_cell.angle_beta   90.00
_cell.angle_gamma   90.00
#
_symmetry.space_group_name_H-M   'P 21 21 21'
#
loop_
_entity.id
_entity.type
_entity.pdbx_description
1 polymer 'SH3 and multiple ankyrin repeat domains protein 3'
2 polymer SSTR2
3 water water
#
loop_
_entity_poly.entity_id
_entity_poly.type
_entity_poly.pdbx_seq_one_letter_code
_entity_poly.pdbx_strand_id
1 'polypeptide(L)'
;SVAILQKRDHEGFGFVLRGAKAETPIEEFTPTPAFPALQYLESVDVEGVAWKAGLRTGDFLIEVNGVNVVKVGHKQVVGL
IRQGGNRLVMKVVSVT
;
A,C
2 'polypeptide(L)' (ACE)DLQTSI B,D
#
loop_
_chem_comp.id
_chem_comp.type
_chem_comp.name
_chem_comp.formula
ACE non-polymer 'ACETYL GROUP' 'C2 H4 O'
#
# COMPACT_ATOMS: atom_id res chain seq x y z
N SER A 1 -17.08 -13.02 5.57
CA SER A 1 -16.69 -12.45 6.84
C SER A 1 -16.90 -10.93 6.87
N VAL A 2 -17.30 -10.36 8.01
CA VAL A 2 -17.62 -8.94 8.07
C VAL A 2 -16.61 -8.16 8.89
N ALA A 3 -16.35 -6.94 8.43
CA ALA A 3 -15.52 -5.98 9.12
C ALA A 3 -16.19 -4.63 9.07
N ILE A 4 -16.45 -4.04 10.24
CA ILE A 4 -16.93 -2.67 10.36
C ILE A 4 -15.75 -1.80 10.75
N LEU A 5 -15.51 -0.76 9.96
CA LEU A 5 -14.33 0.10 10.11
C LEU A 5 -14.77 1.53 10.41
N GLN A 6 -14.36 2.03 11.56
CA GLN A 6 -14.59 3.41 11.92
C GLN A 6 -13.21 3.93 12.29
N LYS A 7 -12.75 4.91 11.56
CA LYS A 7 -11.41 5.42 11.78
C LYS A 7 -11.48 6.87 12.24
N ARG A 8 -10.34 7.38 12.70
CA ARG A 8 -10.18 8.79 13.00
C ARG A 8 -9.78 9.53 11.72
N ASP A 9 -10.16 10.82 11.65
CA ASP A 9 -10.04 11.62 10.42
C ASP A 9 -8.74 11.38 9.67
N HIS A 10 -7.63 11.51 10.36
CA HIS A 10 -6.34 11.60 9.72
C HIS A 10 -5.56 10.31 9.66
N GLU A 11 -6.15 9.20 10.03
CA GLU A 11 -5.49 7.93 9.80
C GLU A 11 -6.15 7.25 8.62
N GLY A 12 -5.50 6.22 8.13
CA GLY A 12 -6.13 5.43 7.11
C GLY A 12 -6.93 4.35 7.76
N PHE A 13 -7.56 3.56 6.91
CA PHE A 13 -8.10 2.31 7.36
C PHE A 13 -7.03 1.27 7.51
N GLY A 14 -5.84 1.51 6.97
CA GLY A 14 -4.71 0.62 7.20
C GLY A 14 -4.70 -0.60 6.32
N PHE A 15 -4.90 -0.43 5.02
CA PHE A 15 -4.81 -1.57 4.13
C PHE A 15 -4.52 -1.06 2.75
N VAL A 16 -3.95 -1.96 1.95
CA VAL A 16 -3.72 -1.70 0.55
C VAL A 16 -4.64 -2.55 -0.27
N LEU A 17 -5.52 -1.88 -1.01
CA LEU A 17 -6.36 -2.55 -1.93
C LEU A 17 -5.63 -2.71 -3.24
N ARG A 18 -5.80 -3.87 -3.86
CA ARG A 18 -5.15 -4.19 -5.10
C ARG A 18 -6.14 -4.94 -5.95
N GLY A 19 -6.16 -4.66 -7.24
CA GLY A 19 -6.92 -5.49 -8.13
C GLY A 19 -7.06 -4.85 -9.50
N ALA A 20 -7.81 -5.54 -10.34
CA ALA A 20 -7.88 -5.15 -11.72
C ALA A 20 -8.45 -3.75 -11.88
N LYS A 21 -7.86 -2.99 -12.78
CA LYS A 21 -8.42 -1.70 -13.13
C LYS A 21 -9.75 -1.91 -13.83
N ALA A 22 -10.54 -0.84 -13.89
CA ALA A 22 -11.80 -0.94 -14.64
C ALA A 22 -11.54 -1.18 -16.13
N GLU A 23 -10.42 -0.67 -16.65
CA GLU A 23 -10.08 -0.88 -18.07
C GLU A 23 -9.39 -2.24 -18.28
N PRO A 31 -12.81 -19.47 -16.99
CA PRO A 31 -12.64 -20.93 -17.06
C PRO A 31 -13.09 -21.65 -15.79
N THR A 32 -12.37 -21.35 -14.71
CA THR A 32 -12.79 -21.64 -13.35
C THR A 32 -12.56 -20.37 -12.55
N PRO A 33 -13.48 -19.95 -11.71
CA PRO A 33 -13.12 -18.81 -10.86
C PRO A 33 -11.94 -19.25 -10.02
N ALA A 34 -10.96 -18.37 -9.93
CA ALA A 34 -9.81 -18.52 -9.05
C ALA A 34 -9.80 -17.46 -7.97
N PHE A 35 -10.34 -16.26 -8.25
CA PHE A 35 -10.65 -15.17 -7.34
C PHE A 35 -12.16 -15.13 -7.04
N PRO A 36 -12.58 -14.91 -5.80
CA PRO A 36 -13.99 -14.61 -5.55
C PRO A 36 -14.35 -13.18 -5.87
N ALA A 37 -13.37 -12.34 -6.19
CA ALA A 37 -13.69 -10.95 -6.49
C ALA A 37 -12.47 -10.32 -7.17
N LEU A 38 -12.70 -9.17 -7.78
CA LEU A 38 -11.62 -8.50 -8.48
C LEU A 38 -10.61 -7.77 -7.59
N GLN A 39 -11.03 -7.25 -6.45
CA GLN A 39 -10.18 -6.44 -5.59
C GLN A 39 -9.90 -7.23 -4.31
N TYR A 40 -8.67 -7.11 -3.81
CA TYR A 40 -8.29 -7.82 -2.60
C TYR A 40 -7.31 -6.97 -1.82
N LEU A 41 -7.03 -7.44 -0.60
CA LEU A 41 -6.16 -6.71 0.28
C LEU A 41 -4.72 -7.21 0.01
N GLU A 42 -3.95 -6.38 -0.64
CA GLU A 42 -2.55 -6.76 -0.87
C GLU A 42 -1.78 -6.80 0.43
N SER A 43 -2.09 -5.92 1.35
CA SER A 43 -1.46 -5.93 2.66
C SER A 43 -2.36 -5.20 3.63
N VAL A 44 -2.11 -5.47 4.88
CA VAL A 44 -2.88 -4.90 5.95
C VAL A 44 -1.92 -4.46 7.03
N ASP A 45 -2.09 -3.23 7.46
CA ASP A 45 -1.32 -2.63 8.52
C ASP A 45 -1.54 -3.37 9.80
N VAL A 46 -0.46 -3.93 10.32
CA VAL A 46 -0.48 -4.58 11.62
C VAL A 46 -0.99 -3.58 12.64
N GLU A 47 -2.01 -3.97 13.38
CA GLU A 47 -2.59 -3.12 14.39
C GLU A 47 -3.09 -1.79 13.81
N GLY A 48 -3.76 -1.86 12.66
CA GLY A 48 -4.45 -0.72 12.08
C GLY A 48 -5.98 -0.96 12.17
N VAL A 49 -6.75 0.09 11.87
CA VAL A 49 -8.20 0.01 11.97
C VAL A 49 -8.72 -1.21 11.22
N ALA A 50 -8.12 -1.52 10.08
CA ALA A 50 -8.54 -2.67 9.29
C ALA A 50 -8.11 -3.98 9.92
N TRP A 51 -6.87 -4.04 10.38
CA TRP A 51 -6.43 -5.26 11.04
C TRP A 51 -7.24 -5.50 12.30
N LYS A 52 -7.66 -4.43 12.97
CA LYS A 52 -8.45 -4.58 14.21
C LYS A 52 -9.78 -5.26 13.97
N ALA A 53 -10.36 -5.02 12.81
CA ALA A 53 -11.64 -5.58 12.44
C ALA A 53 -11.53 -7.00 11.93
N GLY A 54 -10.31 -7.55 11.82
CA GLY A 54 -10.04 -8.92 11.39
C GLY A 54 -9.56 -9.10 9.95
N LEU A 55 -9.55 -8.02 9.14
CA LEU A 55 -9.07 -8.08 7.76
C LEU A 55 -7.62 -8.50 7.73
N ARG A 56 -7.26 -9.24 6.67
CA ARG A 56 -5.95 -9.86 6.50
C ARG A 56 -5.54 -9.80 5.04
N THR A 57 -4.24 -9.77 4.80
CA THR A 57 -3.72 -9.87 3.45
C THR A 57 -4.38 -11.05 2.73
N GLY A 58 -4.73 -10.83 1.49
CA GLY A 58 -5.39 -11.86 0.72
C GLY A 58 -6.91 -11.92 0.85
N ASP A 59 -7.51 -11.10 1.70
CA ASP A 59 -8.96 -11.04 1.73
C ASP A 59 -9.52 -10.44 0.45
N PHE A 60 -10.54 -11.08 -0.13
CA PHE A 60 -11.16 -10.52 -1.30
C PHE A 60 -12.40 -9.75 -0.92
N LEU A 61 -12.55 -8.58 -1.52
CA LEU A 61 -13.67 -7.69 -1.26
C LEU A 61 -14.90 -8.13 -2.01
N ILE A 62 -15.93 -8.51 -1.27
CA ILE A 62 -17.22 -8.85 -1.83
C ILE A 62 -18.16 -7.66 -1.77
N GLU A 63 -18.22 -6.99 -0.62
CA GLU A 63 -19.10 -5.85 -0.48
C GLU A 63 -18.43 -4.70 0.24
N VAL A 64 -18.70 -3.50 -0.25
CA VAL A 64 -18.30 -2.27 0.38
C VAL A 64 -19.58 -1.47 0.71
N ASN A 65 -19.80 -1.27 2.00
CA ASN A 65 -20.89 -0.43 2.49
C ASN A 65 -22.20 -0.86 1.85
N GLY A 66 -22.41 -2.18 1.84
CA GLY A 66 -23.63 -2.79 1.34
C GLY A 66 -23.68 -2.95 -0.16
N VAL A 67 -22.64 -2.51 -0.90
CA VAL A 67 -22.68 -2.54 -2.34
C VAL A 67 -21.83 -3.71 -2.81
N ASN A 68 -22.29 -4.45 -3.84
CA ASN A 68 -21.52 -5.59 -4.34
C ASN A 68 -20.44 -5.09 -5.31
N VAL A 69 -19.17 -5.45 -5.00
CA VAL A 69 -18.01 -5.01 -5.81
C VAL A 69 -17.16 -6.15 -6.36
N VAL A 70 -17.78 -7.31 -6.53
CA VAL A 70 -17.12 -8.52 -6.97
C VAL A 70 -16.47 -8.30 -8.32
N LYS A 71 -17.17 -7.64 -9.25
CA LYS A 71 -16.71 -7.46 -10.61
C LYS A 71 -16.33 -6.01 -10.91
N VAL A 72 -16.13 -5.23 -9.92
CA VAL A 72 -15.94 -3.81 -10.12
C VAL A 72 -14.43 -3.52 -10.23
N GLY A 73 -14.06 -2.67 -11.20
CA GLY A 73 -12.68 -2.24 -11.38
C GLY A 73 -12.16 -1.43 -10.21
N HIS A 74 -10.84 -1.29 -10.18
CA HIS A 74 -10.16 -0.88 -8.97
C HIS A 74 -10.57 0.50 -8.55
N LYS A 75 -10.46 1.43 -9.47
CA LYS A 75 -10.66 2.82 -9.11
C LYS A 75 -12.08 3.03 -8.60
N GLN A 76 -13.04 2.33 -9.20
CA GLN A 76 -14.43 2.49 -8.77
C GLN A 76 -14.61 1.96 -7.36
N VAL A 77 -13.93 0.85 -7.01
CA VAL A 77 -14.01 0.32 -5.64
C VAL A 77 -13.35 1.29 -4.69
N VAL A 78 -12.22 1.87 -5.08
CA VAL A 78 -11.60 2.80 -4.16
C VAL A 78 -12.55 3.97 -3.98
N GLY A 79 -13.16 4.39 -5.08
CA GLY A 79 -14.18 5.43 -5.01
C GLY A 79 -15.24 5.14 -3.97
N LEU A 80 -15.78 3.93 -4.00
CA LEU A 80 -16.78 3.51 -3.03
C LEU A 80 -16.27 3.53 -1.59
N ILE A 81 -15.06 3.03 -1.34
CA ILE A 81 -14.49 2.99 0.00
C ILE A 81 -14.29 4.38 0.57
N ARG A 82 -14.16 5.39 -0.29
CA ARG A 82 -13.88 6.74 0.18
C ARG A 82 -15.16 7.50 0.45
N GLN A 83 -16.19 7.20 -0.32
CA GLN A 83 -17.46 7.87 -0.16
C GLN A 83 -17.92 7.89 1.28
N GLY A 84 -17.64 6.83 2.02
CA GLY A 84 -18.17 6.70 3.34
C GLY A 84 -17.25 7.28 4.39
N GLY A 85 -16.42 8.26 4.01
CA GLY A 85 -15.51 8.93 4.90
C GLY A 85 -14.76 8.01 5.84
N ASN A 86 -14.83 8.28 7.16
CA ASN A 86 -14.14 7.49 8.18
C ASN A 86 -14.87 6.23 8.56
N ARG A 87 -15.90 5.88 7.79
CA ARG A 87 -16.72 4.73 8.09
C ARG A 87 -16.65 3.83 6.86
N LEU A 88 -16.44 2.56 7.10
CA LEU A 88 -16.38 1.61 6.01
C LEU A 88 -16.91 0.27 6.50
N VAL A 89 -17.75 -0.36 5.71
CA VAL A 89 -18.25 -1.69 6.00
C VAL A 89 -17.87 -2.64 4.90
N MET A 90 -17.32 -3.77 5.25
CA MET A 90 -16.80 -4.66 4.20
C MET A 90 -17.19 -6.09 4.44
N LYS A 91 -17.67 -6.71 3.41
CA LYS A 91 -17.80 -8.15 3.43
C LYS A 91 -16.64 -8.70 2.62
N VAL A 92 -15.80 -9.46 3.27
CA VAL A 92 -14.68 -10.05 2.59
C VAL A 92 -14.76 -11.56 2.68
N VAL A 93 -14.04 -12.18 1.75
CA VAL A 93 -13.86 -13.61 1.68
C VAL A 93 -12.36 -13.87 1.72
N SER A 94 -11.95 -14.80 2.57
CA SER A 94 -10.56 -15.23 2.68
C SER A 94 -10.33 -16.43 1.77
N VAL A 95 -9.35 -16.31 0.89
CA VAL A 95 -8.97 -17.46 0.10
C VAL A 95 -8.04 -18.41 0.86
N THR A 96 -7.45 -17.96 1.95
CA THR A 96 -6.47 -18.73 2.69
C THR A 96 -6.96 -19.37 3.98
C ACE B 1 -4.27 -4.19 -14.19
O ACE B 1 -5.42 -4.55 -13.87
CH3 ACE B 1 -3.77 -3.99 -15.60
N ASP B 2 -3.33 -3.89 -13.33
CA ASP B 2 -3.45 -4.02 -11.91
C ASP B 2 -3.15 -2.73 -11.17
N LEU B 3 -3.89 -2.36 -10.14
CA LEU B 3 -3.58 -1.13 -9.41
C LEU B 3 -3.60 -1.41 -7.91
N GLN B 4 -2.80 -0.61 -7.19
CA GLN B 4 -2.77 -0.68 -5.73
C GLN B 4 -3.07 0.66 -5.14
N THR B 5 -3.81 0.66 -4.03
CA THR B 5 -4.13 1.92 -3.39
C THR B 5 -4.05 1.71 -1.89
N SER B 6 -3.30 2.58 -1.26
CA SER B 6 -3.21 2.59 0.17
C SER B 6 -4.39 3.35 0.73
N ILE B 7 -5.07 2.75 1.68
CA ILE B 7 -6.34 3.29 2.20
C ILE B 7 -6.38 3.26 3.71
N SER C 1 18.61 11.03 5.96
CA SER C 1 18.45 10.10 7.06
C SER C 1 18.51 8.66 6.53
N VAL C 2 19.08 7.73 7.29
CA VAL C 2 19.31 6.39 6.77
C VAL C 2 18.43 5.37 7.47
N ALA C 3 18.04 4.38 6.67
CA ALA C 3 17.32 3.22 7.16
C ALA C 3 17.89 1.99 6.49
N ILE C 4 18.34 1.03 7.31
CA ILE C 4 18.74 -0.31 6.88
C ILE C 4 17.66 -1.31 7.24
N LEU C 5 17.17 -2.03 6.25
CA LEU C 5 16.07 -2.96 6.44
C LEU C 5 16.52 -4.36 6.05
N GLN C 6 16.41 -5.29 6.98
CA GLN C 6 16.62 -6.68 6.65
C GLN C 6 15.36 -7.37 7.13
N LYS C 7 14.69 -8.05 6.22
CA LYS C 7 13.41 -8.69 6.49
C LYS C 7 13.55 -10.20 6.33
N ARG C 8 12.51 -10.90 6.74
CA ARG C 8 12.41 -12.32 6.52
C ARG C 8 11.77 -12.57 5.15
N ASP C 9 12.09 -13.71 4.54
CA ASP C 9 11.73 -14.03 3.16
C ASP C 9 10.31 -13.62 2.78
N HIS C 10 9.36 -14.02 3.62
CA HIS C 10 7.97 -13.95 3.25
C HIS C 10 7.26 -12.75 3.81
N GLU C 11 7.96 -11.86 4.50
CA GLU C 11 7.32 -10.63 4.92
C GLU C 11 7.69 -9.52 3.94
N GLY C 12 6.97 -8.44 4.03
CA GLY C 12 7.32 -7.28 3.26
C GLY C 12 8.22 -6.39 4.08
N PHE C 13 8.64 -5.31 3.44
CA PHE C 13 9.32 -4.28 4.15
C PHE C 13 8.40 -3.41 4.95
N GLY C 14 7.10 -3.46 4.66
CA GLY C 14 6.12 -2.73 5.43
C GLY C 14 5.96 -1.29 5.01
N PHE C 15 5.89 -1.02 3.71
CA PHE C 15 5.63 0.34 3.29
C PHE C 15 5.04 0.37 1.90
N VAL C 16 4.37 1.47 1.62
CA VAL C 16 3.83 1.72 0.29
C VAL C 16 4.62 2.83 -0.31
N LEU C 17 5.30 2.55 -1.41
CA LEU C 17 5.98 3.56 -2.12
C LEU C 17 5.00 4.14 -3.10
N ARG C 18 5.05 5.44 -3.28
CA ARG C 18 4.20 6.11 -4.23
C ARG C 18 5.02 7.13 -4.98
N GLY C 19 4.77 7.27 -6.27
CA GLY C 19 5.27 8.39 -7.00
C GLY C 19 5.06 8.29 -8.50
N ALA C 20 5.66 9.26 -9.18
CA ALA C 20 5.46 9.42 -10.60
C ALA C 20 5.90 8.19 -11.37
N LYS C 21 5.12 7.81 -12.37
CA LYS C 21 5.55 6.80 -13.29
C LYS C 21 6.69 7.37 -14.13
N ALA C 22 7.46 6.48 -14.74
CA ALA C 22 8.50 6.95 -15.65
C ALA C 22 7.89 7.62 -16.85
N GLU C 23 6.69 7.21 -17.22
CA GLU C 23 6.04 7.76 -18.39
C GLU C 23 5.39 9.13 -18.12
N THR C 24 5.65 9.80 -16.99
CA THR C 24 5.05 11.11 -16.77
C THR C 24 6.13 12.19 -16.65
N THR C 32 10.14 25.88 -8.75
CA THR C 32 10.57 25.65 -7.37
C THR C 32 10.28 24.21 -6.93
N PRO C 33 11.29 23.54 -6.36
CA PRO C 33 11.10 22.16 -5.89
C PRO C 33 10.11 22.10 -4.76
N ALA C 34 9.19 21.16 -4.82
CA ALA C 34 8.30 20.93 -3.69
C ALA C 34 8.52 19.57 -3.07
N PHE C 35 8.79 18.59 -3.92
CA PHE C 35 9.22 17.25 -3.59
C PHE C 35 10.74 17.25 -3.68
N PRO C 36 11.46 16.66 -2.71
CA PRO C 36 12.89 16.43 -2.91
C PRO C 36 13.24 15.25 -3.77
N ALA C 37 12.28 14.44 -4.18
CA ALA C 37 12.47 13.23 -4.98
C ALA C 37 11.11 12.85 -5.55
N LEU C 38 11.12 11.99 -6.55
CA LEU C 38 9.89 11.58 -7.18
C LEU C 38 9.09 10.54 -6.42
N GLN C 39 9.75 9.69 -5.66
CA GLN C 39 9.06 8.62 -4.97
C GLN C 39 9.08 8.86 -3.48
N TYR C 40 7.96 8.53 -2.80
CA TYR C 40 7.87 8.77 -1.39
C TYR C 40 7.06 7.67 -0.75
N LEU C 41 7.03 7.68 0.58
CA LEU C 41 6.36 6.65 1.33
C LEU C 41 4.92 7.17 1.56
N GLU C 42 3.96 6.56 0.88
CA GLU C 42 2.56 6.91 1.03
C GLU C 42 2.07 6.43 2.38
N SER C 43 2.57 5.29 2.83
CA SER C 43 2.27 4.82 4.17
C SER C 43 3.32 3.83 4.63
N VAL C 44 3.34 3.62 5.93
CA VAL C 44 4.29 2.73 6.56
C VAL C 44 3.58 1.91 7.63
N ASP C 45 3.73 0.58 7.54
CA ASP C 45 3.11 -0.36 8.45
C ASP C 45 3.70 -0.16 9.84
N VAL C 46 2.81 0.12 10.77
CA VAL C 46 3.15 0.26 12.17
C VAL C 46 3.89 -0.98 12.64
N GLU C 47 5.06 -0.76 13.20
CA GLU C 47 5.86 -1.86 13.70
C GLU C 47 6.14 -2.90 12.62
N GLY C 48 6.46 -2.43 11.41
CA GLY C 48 6.97 -3.27 10.37
C GLY C 48 8.46 -2.96 10.19
N VAL C 49 9.12 -3.79 9.38
CA VAL C 49 10.56 -3.64 9.19
C VAL C 49 10.89 -2.21 8.84
N ALA C 50 10.06 -1.58 8.04
CA ALA C 50 10.39 -0.22 7.68
C ALA C 50 10.12 0.73 8.83
N TRP C 51 9.04 0.52 9.55
CA TRP C 51 8.81 1.38 10.69
C TRP C 51 9.92 1.19 11.73
N LYS C 52 10.47 -0.05 11.82
CA LYS C 52 11.53 -0.37 12.78
C LYS C 52 12.78 0.44 12.52
N ALA C 53 13.07 0.69 11.27
CA ALA C 53 14.22 1.44 10.85
C ALA C 53 14.00 2.94 10.94
N GLY C 54 12.82 3.40 11.36
CA GLY C 54 12.54 4.81 11.48
C GLY C 54 11.78 5.43 10.31
N LEU C 55 11.55 4.68 9.24
CA LEU C 55 10.82 5.23 8.08
C LEU C 55 9.41 5.59 8.48
N ARG C 56 8.91 6.68 7.88
CA ARG C 56 7.62 7.26 8.20
C ARG C 56 6.96 7.74 6.90
N THR C 57 5.62 7.77 6.93
CA THR C 57 4.86 8.37 5.85
C THR C 57 5.43 9.73 5.51
N GLY C 58 5.48 10.00 4.24
CA GLY C 58 6.00 11.25 3.79
C GLY C 58 7.51 11.30 3.57
N ASP C 59 8.24 10.25 3.89
CA ASP C 59 9.65 10.27 3.62
C ASP C 59 9.87 10.18 2.13
N PHE C 60 10.75 11.02 1.62
CA PHE C 60 11.09 10.95 0.22
C PHE C 60 12.35 10.13 0.02
N LEU C 61 12.30 9.26 -0.97
CA LEU C 61 13.39 8.37 -1.30
C LEU C 61 14.42 9.05 -2.14
N ILE C 62 15.63 9.15 -1.59
CA ILE C 62 16.79 9.71 -2.26
C ILE C 62 17.67 8.63 -2.82
N GLU C 63 17.99 7.66 -2.02
CA GLU C 63 18.80 6.56 -2.46
C GLU C 63 18.26 5.23 -2.00
N VAL C 64 18.33 4.26 -2.91
CA VAL C 64 18.08 2.86 -2.64
C VAL C 64 19.35 2.07 -2.92
N ASN C 65 19.87 1.44 -1.90
CA ASN C 65 21.01 0.54 -2.06
C ASN C 65 22.17 1.23 -2.76
N GLY C 66 22.40 2.48 -2.37
CA GLY C 66 23.47 3.34 -2.85
C GLY C 66 23.18 4.00 -4.17
N VAL C 67 22.06 3.70 -4.78
CA VAL C 67 21.75 4.23 -6.09
C VAL C 67 20.84 5.43 -5.88
N ASN C 68 21.08 6.52 -6.64
CA ASN C 68 20.30 7.75 -6.50
C ASN C 68 18.99 7.61 -7.27
N VAL C 69 17.85 7.76 -6.58
CA VAL C 69 16.61 7.56 -7.29
C VAL C 69 15.72 8.79 -7.23
N VAL C 70 16.35 9.96 -7.06
CA VAL C 70 15.66 11.22 -6.87
C VAL C 70 14.72 11.51 -8.03
N LYS C 71 15.16 11.29 -9.26
CA LYS C 71 14.32 11.59 -10.41
C LYS C 71 13.87 10.35 -11.17
N VAL C 72 13.86 9.22 -10.54
CA VAL C 72 13.58 7.96 -11.22
C VAL C 72 12.08 7.65 -11.10
N GLY C 73 11.49 7.20 -12.22
CA GLY C 73 10.12 6.76 -12.27
C GLY C 73 9.84 5.58 -11.37
N HIS C 74 8.55 5.39 -11.11
CA HIS C 74 8.12 4.57 -9.99
C HIS C 74 8.54 3.12 -10.16
N LYS C 75 8.24 2.56 -11.33
CA LYS C 75 8.45 1.16 -11.55
C LYS C 75 9.93 0.83 -11.44
N GLN C 76 10.76 1.75 -11.90
CA GLN C 76 12.22 1.52 -11.88
C GLN C 76 12.73 1.56 -10.43
N VAL C 77 12.12 2.41 -9.60
CA VAL C 77 12.50 2.43 -8.18
C VAL C 77 12.06 1.15 -7.51
N VAL C 78 10.87 0.67 -7.85
CA VAL C 78 10.40 -0.55 -7.24
C VAL C 78 11.31 -1.69 -7.62
N GLY C 79 11.69 -1.75 -8.88
CA GLY C 79 12.69 -2.72 -9.31
C GLY C 79 13.95 -2.73 -8.46
N LEU C 80 14.51 -1.55 -8.18
CA LEU C 80 15.72 -1.47 -7.34
C LEU C 80 15.48 -1.96 -5.92
N ILE C 81 14.34 -1.62 -5.35
CA ILE C 81 14.08 -2.06 -3.99
C ILE C 81 13.99 -3.55 -3.91
N ARG C 82 13.60 -4.17 -5.02
CA ARG C 82 13.39 -5.61 -5.02
C ARG C 82 14.68 -6.35 -5.35
N GLN C 83 15.56 -5.72 -6.10
CA GLN C 83 16.87 -6.30 -6.34
C GLN C 83 17.50 -6.83 -5.07
N GLY C 84 17.26 -6.17 -3.94
CA GLY C 84 18.04 -6.51 -2.77
C GLY C 84 17.43 -7.57 -1.89
N GLY C 85 16.55 -8.42 -2.46
CA GLY C 85 15.92 -9.50 -1.72
C GLY C 85 15.38 -9.04 -0.38
N ASN C 86 15.81 -9.66 0.72
CA ASN C 86 15.34 -9.29 2.05
C ASN C 86 16.11 -8.13 2.65
N ARG C 87 16.93 -7.51 1.83
CA ARG C 87 17.87 -6.51 2.26
C ARG C 87 17.59 -5.21 1.51
N LEU C 88 17.52 -4.11 2.24
CA LEU C 88 17.31 -2.82 1.62
C LEU C 88 17.98 -1.71 2.42
N VAL C 89 18.70 -0.85 1.71
CA VAL C 89 19.31 0.32 2.35
C VAL C 89 18.82 1.58 1.66
N MET C 90 18.23 2.46 2.44
CA MET C 90 17.57 3.61 1.84
C MET C 90 18.02 4.87 2.52
N LYS C 91 18.29 5.87 1.72
CA LYS C 91 18.46 7.20 2.23
C LYS C 91 17.21 7.97 1.89
N VAL C 92 16.57 8.48 2.92
CA VAL C 92 15.34 9.23 2.78
C VAL C 92 15.55 10.62 3.34
N VAL C 93 14.64 11.49 2.90
CA VAL C 93 14.49 12.86 3.33
C VAL C 93 13.05 13.00 3.83
N SER C 94 12.91 13.55 5.03
CA SER C 94 11.63 13.86 5.63
C SER C 94 11.30 15.32 5.29
N VAL C 95 10.14 15.53 4.68
CA VAL C 95 9.69 16.90 4.43
C VAL C 95 9.05 17.52 5.66
N THR C 96 8.80 16.74 6.71
CA THR C 96 8.10 17.22 7.89
C THR C 96 8.92 17.48 9.14
C ACE D 1 1.34 9.21 -12.36
O ACE D 1 2.44 9.79 -12.16
CH3 ACE D 1 0.58 9.25 -13.67
N ASP D 2 0.71 8.49 -11.49
CA ASP D 2 1.12 8.27 -10.13
C ASP D 2 0.91 6.79 -9.85
N LEU D 3 1.80 6.10 -9.15
CA LEU D 3 1.58 4.68 -8.89
C LEU D 3 1.94 4.39 -7.45
N GLN D 4 1.26 3.38 -6.90
CA GLN D 4 1.51 2.90 -5.55
C GLN D 4 1.87 1.44 -5.59
N THR D 5 2.84 1.07 -4.73
CA THR D 5 3.28 -0.31 -4.66
C THR D 5 3.52 -0.65 -3.20
N SER D 6 2.92 -1.72 -2.76
CA SER D 6 3.17 -2.21 -1.42
C SER D 6 4.40 -3.10 -1.45
N ILE D 7 5.31 -2.81 -0.57
CA ILE D 7 6.64 -3.50 -0.56
C ILE D 7 6.93 -4.01 0.82
#